data_8Y7V
#
_entry.id   8Y7V
#
_cell.length_a   57.093
_cell.length_b   57.093
_cell.length_c   130.642
_cell.angle_alpha   90.000
_cell.angle_beta   90.000
_cell.angle_gamma   90.000
#
_symmetry.space_group_name_H-M   'P 41 21 2'
#
loop_
_entity.id
_entity.type
_entity.pdbx_description
1 polymer 'Alpha-globin transcription factor CP2'
2 water water
#
_entity_poly.entity_id   1
_entity_poly.type   'polypeptide(L)'
_entity_poly.pdbx_seq_one_letter_code
;SEILPFQYVLCAATSPAVKLHDETLTYLNQGQSYEIRMLDNRKLGELPELNGKLVKSIFRVVFHDRRLQYTEHQQLEGWR
WNRPGDRILDIDIPMSVGVIDPRANPTQLNTVEFLWDPSKRTSVFIQVHCISTEFTMRKHGGEKGVPFRVQIDTFKENGN
GEYTEHLHSASCQIKVFKPKGADRKQKIDREKMEKRTPHEKEKYQPSYETTILTECSPWPEI
;
_entity_poly.pdbx_strand_id   A
#
# COMPACT_ATOMS: atom_id res chain seq x y z
N ILE A 3 -2.10 -8.12 -19.37
CA ILE A 3 -1.65 -8.72 -18.13
C ILE A 3 -1.96 -7.82 -16.96
N LEU A 4 -0.91 -7.44 -16.22
CA LEU A 4 -1.11 -6.56 -15.07
C LEU A 4 -0.54 -5.19 -15.42
N PRO A 5 -1.38 -4.19 -15.63
CA PRO A 5 -0.91 -2.97 -16.30
C PRO A 5 -0.01 -2.10 -15.43
N PHE A 6 -0.04 -2.22 -14.11
CA PHE A 6 0.75 -1.36 -13.25
C PHE A 6 1.42 -2.19 -12.19
N GLN A 7 2.45 -1.61 -11.57
CA GLN A 7 3.08 -2.18 -10.40
C GLN A 7 3.28 -1.07 -9.38
N TYR A 8 3.03 -1.38 -8.11
CA TYR A 8 3.19 -0.41 -7.04
C TYR A 8 4.23 -0.91 -6.06
N VAL A 9 5.19 -0.07 -5.73
CA VAL A 9 6.34 -0.47 -4.90
C VAL A 9 6.38 0.43 -3.67
N LEU A 10 6.07 -0.14 -2.50
CA LEU A 10 6.19 0.58 -1.22
C LEU A 10 7.64 0.50 -0.77
N CYS A 11 8.28 1.65 -0.54
CA CYS A 11 9.72 1.70 -0.30
C CYS A 11 9.99 1.54 1.20
N ALA A 12 9.79 0.30 1.63
CA ALA A 12 10.05 -0.12 3.00
C ALA A 12 10.37 -1.60 2.95
N ALA A 13 11.34 -2.03 3.77
CA ALA A 13 11.78 -3.41 3.75
C ALA A 13 10.75 -4.36 4.37
N THR A 14 10.70 -5.59 3.86
CA THR A 14 9.80 -6.58 4.43
C THR A 14 10.45 -7.28 5.63
N SER A 15 9.60 -7.90 6.45
CA SER A 15 10.11 -8.63 7.61
C SER A 15 10.85 -9.89 7.14
N PRO A 16 11.94 -10.27 7.80
CA PRO A 16 12.64 -11.51 7.46
C PRO A 16 12.05 -12.76 8.09
N ALA A 17 10.91 -12.68 8.77
CA ALA A 17 10.40 -13.79 9.56
C ALA A 17 9.08 -14.33 9.02
N VAL A 18 8.89 -14.30 7.71
CA VAL A 18 7.69 -14.83 7.05
C VAL A 18 8.08 -16.07 6.26
N LYS A 19 7.23 -17.10 6.32
CA LYS A 19 7.48 -18.35 5.61
C LYS A 19 7.43 -18.14 4.10
N LEU A 20 8.03 -19.12 3.39
CA LEU A 20 8.42 -18.93 2.00
C LEU A 20 7.28 -18.45 1.11
N HIS A 21 6.13 -19.11 1.13
CA HIS A 21 5.11 -18.80 0.14
C HIS A 21 3.96 -17.99 0.73
N ASP A 22 4.17 -17.37 1.88
CA ASP A 22 3.15 -16.56 2.51
C ASP A 22 3.29 -15.10 2.09
N GLU A 23 2.24 -14.31 2.35
CA GLU A 23 2.28 -12.91 1.99
C GLU A 23 3.32 -12.16 2.81
N THR A 24 3.96 -11.18 2.18
CA THR A 24 4.93 -10.39 2.91
C THR A 24 4.27 -9.61 4.04
N LEU A 25 5.10 -9.22 5.01
CA LEU A 25 4.69 -8.37 6.11
C LEU A 25 5.72 -7.23 6.22
N THR A 26 5.24 -5.99 6.29
CA THR A 26 6.11 -4.82 6.30
C THR A 26 5.78 -3.93 7.49
N TYR A 27 6.79 -3.58 8.28
CA TYR A 27 6.59 -2.73 9.45
C TYR A 27 6.79 -1.26 9.07
N LEU A 28 5.84 -0.41 9.47
CA LEU A 28 5.92 1.02 9.25
C LEU A 28 5.82 1.78 10.56
N ASN A 29 6.47 2.93 10.61
CA ASN A 29 6.34 3.85 11.73
C ASN A 29 5.19 4.83 11.50
N GLN A 30 4.37 5.02 12.53
CA GLN A 30 3.27 5.96 12.44
C GLN A 30 3.79 7.36 12.15
N GLY A 31 3.16 8.03 11.18
CA GLY A 31 3.49 9.40 10.86
C GLY A 31 4.71 9.59 9.97
N GLN A 32 5.45 8.53 9.67
CA GLN A 32 6.62 8.63 8.81
C GLN A 32 6.16 8.60 7.36
N SER A 33 6.73 9.46 6.53
CA SER A 33 6.40 9.47 5.10
C SER A 33 7.07 8.29 4.41
N TYR A 34 6.28 7.49 3.71
CA TYR A 34 6.77 6.35 2.95
C TYR A 34 6.45 6.51 1.48
N GLU A 35 7.45 6.25 0.64
CA GLU A 35 7.30 6.38 -0.80
C GLU A 35 6.62 5.14 -1.38
N ILE A 36 5.61 5.36 -2.23
CA ILE A 36 5.07 4.29 -3.08
C ILE A 36 5.31 4.71 -4.53
N ARG A 37 6.13 3.94 -5.22
CA ARG A 37 6.40 4.19 -6.63
C ARG A 37 5.26 3.61 -7.45
N MET A 38 4.77 4.39 -8.39
CA MET A 38 3.65 4.04 -9.26
C MET A 38 4.26 3.77 -10.64
N LEU A 39 4.26 2.50 -11.08
CA LEU A 39 4.97 2.12 -12.30
C LEU A 39 4.03 1.57 -13.37
N ASP A 40 4.33 1.93 -14.63
CA ASP A 40 3.71 1.30 -15.77
C ASP A 40 4.33 -0.07 -15.95
N ASN A 41 3.49 -1.10 -16.02
CA ASN A 41 3.96 -2.48 -16.15
C ASN A 41 3.54 -3.09 -17.48
N ARG A 42 3.04 -2.28 -18.40
CA ARG A 42 2.58 -2.77 -19.69
C ARG A 42 3.74 -3.08 -20.61
N LYS A 43 3.59 -4.15 -21.38
CA LYS A 43 4.48 -4.37 -22.50
C LYS A 43 3.96 -3.60 -23.72
N LEU A 44 4.74 -3.61 -24.80
CA LEU A 44 4.33 -2.94 -26.03
C LEU A 44 2.96 -3.42 -26.48
N GLY A 45 2.00 -2.48 -26.53
CA GLY A 45 0.72 -2.71 -27.16
C GLY A 45 -0.48 -2.65 -26.23
N GLU A 46 -0.30 -3.00 -24.95
CA GLU A 46 -1.47 -3.09 -24.07
C GLU A 46 -2.05 -1.72 -23.79
N LEU A 47 -3.38 -1.67 -23.69
CA LEU A 47 -4.18 -0.50 -23.35
C LEU A 47 -3.65 0.80 -23.99
N PRO A 48 -3.61 0.89 -25.32
CA PRO A 48 -3.18 2.15 -25.95
C PRO A 48 -4.04 3.34 -25.60
N GLU A 49 -5.29 3.11 -25.18
CA GLU A 49 -6.15 4.19 -24.71
C GLU A 49 -5.52 4.92 -23.53
N LEU A 50 -4.65 4.24 -22.78
CA LEU A 50 -4.01 4.90 -21.65
C LEU A 50 -2.92 5.86 -22.10
N ASN A 51 -2.37 5.64 -23.30
CA ASN A 51 -1.29 6.50 -23.80
C ASN A 51 -1.78 7.94 -23.92
N GLY A 52 -1.08 8.83 -23.23
CA GLY A 52 -1.45 10.23 -23.24
C GLY A 52 -2.51 10.62 -22.26
N LYS A 53 -3.07 9.68 -21.50
CA LYS A 53 -4.08 10.00 -20.51
C LYS A 53 -3.58 9.66 -19.11
N LEU A 54 -4.34 10.14 -18.14
CA LEU A 54 -4.07 9.89 -16.74
C LEU A 54 -4.91 8.72 -16.28
N VAL A 55 -4.50 8.14 -15.16
CA VAL A 55 -5.32 7.20 -14.43
C VAL A 55 -5.48 7.73 -13.01
N LYS A 56 -6.50 7.23 -12.33
CA LYS A 56 -6.75 7.56 -10.93
C LYS A 56 -6.44 6.33 -10.09
N SER A 57 -5.69 6.55 -9.01
CA SER A 57 -5.50 5.48 -8.02
C SER A 57 -6.14 5.89 -6.70
N ILE A 58 -6.88 4.96 -6.11
CA ILE A 58 -7.51 5.14 -4.82
C ILE A 58 -6.81 4.24 -3.81
N PHE A 59 -6.27 4.85 -2.74
CA PHE A 59 -5.53 4.15 -1.71
C PHE A 59 -6.40 4.00 -0.47
N ARG A 60 -6.36 2.83 0.14
CA ARG A 60 -7.06 2.60 1.40
C ARG A 60 -6.15 1.89 2.37
N VAL A 61 -6.31 2.21 3.66
CA VAL A 61 -5.74 1.42 4.74
C VAL A 61 -6.91 0.78 5.47
N VAL A 62 -6.97 -0.54 5.45
CA VAL A 62 -8.07 -1.30 6.02
C VAL A 62 -7.49 -2.43 6.85
N PHE A 63 -8.34 -3.12 7.59
CA PHE A 63 -7.87 -4.30 8.30
C PHE A 63 -7.54 -5.42 7.30
N HIS A 64 -6.44 -6.13 7.55
CA HIS A 64 -6.02 -7.17 6.63
C HIS A 64 -6.89 -8.42 6.72
N ASP A 65 -7.28 -8.80 7.94
CA ASP A 65 -8.19 -9.94 8.12
C ASP A 65 -9.58 -9.60 7.60
N ARG A 66 -10.13 -10.47 6.76
CA ARG A 66 -11.37 -10.12 6.09
C ARG A 66 -12.53 -10.04 7.06
N ARG A 67 -12.61 -10.94 8.04
CA ARG A 67 -13.71 -10.87 8.99
C ARG A 67 -13.61 -9.62 9.86
N LEU A 68 -12.39 -9.24 10.27
CA LEU A 68 -12.23 -8.02 11.06
C LEU A 68 -12.61 -6.79 10.25
N GLN A 69 -12.23 -6.76 8.96
CA GLN A 69 -12.64 -5.62 8.13
C GLN A 69 -14.16 -5.60 7.99
N TYR A 70 -14.76 -6.77 7.78
CA TYR A 70 -16.22 -6.87 7.60
C TYR A 70 -16.96 -6.31 8.81
N THR A 71 -16.46 -6.56 10.02
CA THR A 71 -17.19 -6.11 11.20
C THR A 71 -16.74 -4.75 11.73
N GLU A 72 -15.45 -4.39 11.64
CA GLU A 72 -14.93 -3.21 12.30
C GLU A 72 -14.47 -2.12 11.34
N HIS A 73 -14.90 -2.18 10.07
CA HIS A 73 -14.42 -1.21 9.09
C HIS A 73 -14.62 0.25 9.53
N GLN A 74 -15.68 0.56 10.29
CA GLN A 74 -15.91 1.97 10.59
C GLN A 74 -14.88 2.53 11.56
N GLN A 75 -14.16 1.68 12.30
CA GLN A 75 -13.09 2.18 13.17
C GLN A 75 -12.04 2.95 12.40
N LEU A 76 -11.79 2.56 11.14
CA LEU A 76 -10.79 3.23 10.33
C LEU A 76 -11.36 4.32 9.43
N GLU A 77 -12.67 4.39 9.27
CA GLU A 77 -13.22 5.31 8.28
C GLU A 77 -13.58 6.68 8.86
N GLY A 78 -13.87 6.77 10.14
CA GLY A 78 -14.35 8.03 10.70
C GLY A 78 -15.80 7.93 11.12
N PRO A 84 -10.77 17.45 16.44
CA PRO A 84 -11.09 17.16 15.04
C PRO A 84 -9.83 16.93 14.20
N GLY A 85 -10.00 16.71 12.90
CA GLY A 85 -8.87 16.50 12.02
C GLY A 85 -7.96 15.36 12.44
N ASP A 86 -8.45 14.12 12.37
CA ASP A 86 -7.70 12.94 12.80
C ASP A 86 -7.80 11.90 11.67
N ARG A 87 -6.76 11.83 10.85
CA ARG A 87 -6.80 10.96 9.69
C ARG A 87 -5.97 9.71 9.93
N ILE A 88 -6.36 8.64 9.25
CA ILE A 88 -5.59 7.42 9.28
C ILE A 88 -4.61 7.34 8.12
N LEU A 89 -4.97 7.88 6.96
CA LEU A 89 -4.10 7.87 5.78
C LEU A 89 -4.05 9.27 5.20
N ASP A 90 -2.86 9.75 4.88
CA ASP A 90 -2.71 11.04 4.23
C ASP A 90 -1.61 10.96 3.18
N ILE A 91 -1.66 11.89 2.23
CA ILE A 91 -0.61 12.08 1.23
C ILE A 91 0.26 13.25 1.66
N ASP A 92 1.57 13.00 1.72
CA ASP A 92 2.58 14.04 1.91
C ASP A 92 2.80 14.67 0.54
N ILE A 93 2.00 15.69 0.26
CA ILE A 93 2.03 16.31 -1.07
C ILE A 93 3.38 16.94 -1.38
N PRO A 94 4.03 17.69 -0.49
CA PRO A 94 5.31 18.33 -0.85
C PRO A 94 6.40 17.35 -1.25
N MET A 95 6.40 16.14 -0.71
CA MET A 95 7.43 15.17 -1.08
C MET A 95 7.09 14.39 -2.35
N SER A 96 5.83 14.41 -2.78
CA SER A 96 5.41 13.54 -3.86
C SER A 96 5.85 14.09 -5.22
N VAL A 97 5.92 13.18 -6.19
CA VAL A 97 6.37 13.45 -7.55
C VAL A 97 5.34 12.89 -8.52
N GLY A 98 4.87 13.72 -9.45
CA GLY A 98 3.91 13.26 -10.43
C GLY A 98 2.51 13.02 -9.91
N VAL A 99 2.18 13.56 -8.74
CA VAL A 99 0.89 13.34 -8.11
C VAL A 99 0.01 14.51 -8.49
N ILE A 100 -1.08 14.23 -9.21
CA ILE A 100 -1.95 15.24 -9.78
C ILE A 100 -3.28 15.21 -9.06
N ASP A 101 -3.77 16.39 -8.66
CA ASP A 101 -5.06 16.56 -8.00
C ASP A 101 -5.26 15.60 -6.81
N PRO A 102 -4.31 15.55 -5.88
CA PRO A 102 -4.49 14.67 -4.71
C PRO A 102 -5.66 15.14 -3.86
N ARG A 103 -6.41 14.18 -3.34
CA ARG A 103 -7.55 14.47 -2.47
C ARG A 103 -7.61 13.46 -1.34
N ALA A 104 -7.86 13.96 -0.13
CA ALA A 104 -8.18 13.13 1.02
C ALA A 104 -9.67 13.20 1.29
N ASN A 105 -10.35 12.06 1.19
CA ASN A 105 -11.79 11.95 1.40
C ASN A 105 -12.16 12.40 2.81
N PRO A 106 -12.89 13.52 2.96
CA PRO A 106 -13.20 14.00 4.32
C PRO A 106 -14.13 13.08 5.10
N THR A 107 -14.86 12.19 4.42
CA THR A 107 -15.74 11.27 5.12
C THR A 107 -15.12 9.90 5.36
N GLN A 108 -14.06 9.55 4.63
CA GLN A 108 -13.35 8.28 4.84
C GLN A 108 -11.92 8.62 5.22
N LEU A 109 -11.61 8.54 6.52
CA LEU A 109 -10.33 9.01 7.01
C LEU A 109 -9.17 8.10 6.63
N ASN A 110 -9.47 6.94 6.05
CA ASN A 110 -8.46 5.95 5.68
C ASN A 110 -8.30 5.85 4.16
N THR A 111 -8.78 6.83 3.41
CA THR A 111 -8.77 6.77 1.95
C THR A 111 -8.27 8.07 1.35
N VAL A 112 -7.40 7.97 0.33
CA VAL A 112 -6.94 9.11 -0.46
C VAL A 112 -6.92 8.69 -1.92
N GLU A 113 -6.85 9.68 -2.80
CA GLU A 113 -6.84 9.40 -4.23
C GLU A 113 -6.00 10.45 -4.94
N PHE A 114 -5.52 10.09 -6.13
CA PHE A 114 -4.86 11.06 -6.98
C PHE A 114 -4.84 10.56 -8.42
N LEU A 115 -4.52 11.46 -9.33
CA LEU A 115 -4.30 11.12 -10.72
C LEU A 115 -2.80 11.03 -10.97
N TRP A 116 -2.42 10.20 -11.94
CA TRP A 116 -1.03 10.17 -12.35
C TRP A 116 -0.93 9.74 -13.80
N ASP A 117 0.22 10.06 -14.40
CA ASP A 117 0.54 9.71 -15.78
C ASP A 117 1.48 8.52 -15.80
N PRO A 118 1.04 7.33 -16.24
CA PRO A 118 1.95 6.16 -16.23
C PRO A 118 3.20 6.32 -17.10
N SER A 119 3.27 7.34 -17.95
CA SER A 119 4.47 7.57 -18.75
C SER A 119 5.50 8.42 -18.01
N LYS A 120 5.18 8.91 -16.80
CA LYS A 120 6.03 9.84 -16.09
C LYS A 120 6.40 9.30 -14.73
N ARG A 121 7.52 9.78 -14.21
CA ARG A 121 7.97 9.34 -12.91
C ARG A 121 6.96 9.77 -11.87
N THR A 122 6.51 8.80 -11.06
CA THR A 122 5.39 9.00 -10.14
C THR A 122 5.71 8.31 -8.83
N SER A 123 5.84 9.10 -7.77
CA SER A 123 6.07 8.58 -6.43
C SER A 123 5.15 9.34 -5.48
N VAL A 124 4.22 8.63 -4.86
CA VAL A 124 3.37 9.24 -3.84
C VAL A 124 3.98 8.93 -2.49
N PHE A 125 4.02 9.91 -1.60
CA PHE A 125 4.44 9.68 -0.23
C PHE A 125 3.22 9.71 0.66
N ILE A 126 3.08 8.68 1.50
CA ILE A 126 1.92 8.56 2.37
C ILE A 126 2.38 8.50 3.81
N GLN A 127 1.49 8.91 4.72
CA GLN A 127 1.66 8.68 6.15
C GLN A 127 0.46 7.91 6.68
N VAL A 128 0.74 6.91 7.52
CA VAL A 128 -0.26 6.10 8.19
C VAL A 128 -0.25 6.49 9.66
N HIS A 129 -1.43 6.78 10.22
CA HIS A 129 -1.50 7.28 11.59
C HIS A 129 -2.19 6.35 12.56
N CYS A 130 -2.79 5.26 12.09
CA CYS A 130 -3.29 4.23 13.00
C CYS A 130 -2.15 3.32 13.43
N ILE A 131 -2.23 2.79 14.64
CA ILE A 131 -1.23 1.89 15.20
C ILE A 131 -1.86 0.51 15.39
N SER A 132 -1.07 -0.54 15.14
CA SER A 132 -1.60 -1.90 15.14
C SER A 132 -2.05 -2.36 16.51
N THR A 133 -1.47 -1.83 17.58
CA THR A 133 -1.80 -2.28 18.93
C THR A 133 -2.92 -1.48 19.57
N GLU A 134 -3.43 -0.46 18.90
CA GLU A 134 -4.60 0.26 19.37
C GLU A 134 -5.90 -0.45 18.98
N PHE A 135 -5.79 -1.64 18.39
CA PHE A 135 -6.93 -2.51 18.14
C PHE A 135 -6.62 -3.91 18.66
N GLY A 145 -2.22 -6.00 18.23
CA GLY A 145 -1.32 -5.93 17.09
C GLY A 145 -1.93 -6.54 15.84
N VAL A 146 -2.89 -5.86 15.24
CA VAL A 146 -3.55 -6.40 14.06
C VAL A 146 -2.85 -5.88 12.81
N PRO A 147 -2.73 -6.70 11.77
CA PRO A 147 -2.19 -6.22 10.49
C PRO A 147 -3.21 -5.42 9.73
N PHE A 148 -2.72 -4.41 9.02
CA PHE A 148 -3.50 -3.65 8.07
C PHE A 148 -3.10 -4.03 6.66
N ARG A 149 -3.94 -3.62 5.72
CA ARG A 149 -3.71 -3.81 4.31
C ARG A 149 -3.69 -2.44 3.68
N VAL A 150 -2.65 -2.15 2.90
CA VAL A 150 -2.63 -0.99 2.03
C VAL A 150 -3.12 -1.51 0.69
N GLN A 151 -4.26 -1.00 0.22
CA GLN A 151 -4.82 -1.45 -1.04
C GLN A 151 -4.89 -0.28 -2.02
N ILE A 152 -4.58 -0.55 -3.28
CA ILE A 152 -4.63 0.44 -4.34
C ILE A 152 -5.53 -0.11 -5.43
N ASP A 153 -6.54 0.69 -5.83
CA ASP A 153 -7.39 0.38 -6.97
C ASP A 153 -7.20 1.49 -7.98
N THR A 154 -6.99 1.13 -9.26
CA THR A 154 -6.64 2.09 -10.29
C THR A 154 -7.63 2.02 -11.44
N PHE A 155 -8.01 3.22 -11.95
CA PHE A 155 -9.14 3.42 -12.87
C PHE A 155 -8.74 4.32 -14.03
N LYS A 156 -9.40 4.09 -15.17
CA LYS A 156 -9.33 5.05 -16.28
C LYS A 156 -10.66 5.77 -16.45
N GLU A 157 -10.62 6.89 -17.19
CA GLU A 157 -11.82 7.61 -17.60
C GLU A 157 -12.03 7.41 -19.10
N ASN A 158 -13.25 7.67 -19.55
CA ASN A 158 -13.59 7.42 -20.95
C ASN A 158 -14.07 8.69 -21.63
N GLY A 159 -13.41 9.81 -21.34
CA GLY A 159 -13.64 11.06 -22.05
C GLY A 159 -14.60 12.01 -21.38
N ASN A 160 -15.13 11.67 -20.20
CA ASN A 160 -16.01 12.57 -19.46
C ASN A 160 -15.42 12.95 -18.11
N GLY A 161 -14.16 12.65 -17.87
CA GLY A 161 -13.52 12.94 -16.59
C GLY A 161 -14.00 12.11 -15.42
N GLU A 162 -14.74 11.03 -15.64
CA GLU A 162 -15.16 10.13 -14.57
C GLU A 162 -14.27 8.89 -14.59
N TYR A 163 -13.40 8.80 -13.59
CA TYR A 163 -12.42 7.71 -13.51
C TYR A 163 -13.09 6.53 -12.83
N THR A 164 -13.87 5.80 -13.61
CA THR A 164 -14.72 4.77 -13.04
C THR A 164 -14.59 3.42 -13.72
N GLU A 165 -13.67 3.25 -14.66
CA GLU A 165 -13.49 1.95 -15.27
C GLU A 165 -12.27 1.31 -14.62
N HIS A 166 -12.51 0.25 -13.83
CA HIS A 166 -11.47 -0.43 -13.07
C HIS A 166 -10.44 -1.06 -13.99
N LEU A 167 -9.16 -0.85 -13.66
CA LEU A 167 -8.07 -1.49 -14.41
C LEU A 167 -7.28 -2.50 -13.60
N HIS A 168 -7.08 -2.27 -12.30
CA HIS A 168 -6.09 -3.05 -11.58
C HIS A 168 -6.23 -2.78 -10.09
N SER A 169 -6.03 -3.82 -9.26
CA SER A 169 -5.97 -3.64 -7.81
C SER A 169 -4.83 -4.47 -7.24
N ALA A 170 -4.11 -3.93 -6.26
CA ALA A 170 -3.06 -4.69 -5.58
C ALA A 170 -2.95 -4.21 -4.15
N SER A 171 -2.32 -5.03 -3.31
CA SER A 171 -2.25 -4.68 -1.90
C SER A 171 -1.04 -5.32 -1.24
N CYS A 172 -0.77 -4.84 -0.02
CA CYS A 172 0.27 -5.44 0.80
C CYS A 172 -0.13 -5.35 2.28
N GLN A 173 0.47 -6.24 3.08
CA GLN A 173 0.18 -6.36 4.49
C GLN A 173 1.21 -5.58 5.32
N ILE A 174 0.73 -4.73 6.22
CA ILE A 174 1.60 -3.88 7.03
C ILE A 174 1.22 -4.00 8.51
N LYS A 175 2.18 -3.70 9.38
CA LYS A 175 1.88 -3.39 10.77
C LYS A 175 2.49 -2.03 11.06
N VAL A 176 1.80 -1.24 11.87
CA VAL A 176 2.19 0.13 12.16
C VAL A 176 2.45 0.28 13.65
N PHE A 177 3.55 0.98 13.96
CA PHE A 177 4.03 1.15 15.33
C PHE A 177 4.30 2.62 15.63
N LYS A 178 4.20 2.98 16.91
CA LYS A 178 4.68 4.28 17.35
C LYS A 178 6.16 4.38 16.99
N PRO A 179 6.64 5.55 16.57
CA PRO A 179 7.92 5.62 15.84
C PRO A 179 9.10 4.97 16.56
N LYS A 180 10.02 4.47 15.73
CA LYS A 180 11.12 3.58 16.08
C LYS A 180 10.63 2.16 16.36
N GLY A 181 9.32 2.00 16.62
CA GLY A 181 8.79 0.67 16.86
C GLY A 181 8.97 -0.26 15.67
N ALA A 182 8.84 0.27 14.45
CA ALA A 182 9.06 -0.56 13.29
C ALA A 182 10.51 -1.03 13.20
N ASP A 183 11.46 -0.12 13.46
CA ASP A 183 12.85 -0.52 13.52
C ASP A 183 13.09 -1.56 14.61
N ARG A 184 12.46 -1.36 15.77
CA ARG A 184 12.62 -2.33 16.86
C ARG A 184 12.08 -3.69 16.48
N LYS A 185 10.88 -3.74 15.87
CA LYS A 185 10.31 -5.02 15.51
C LYS A 185 11.12 -5.70 14.41
N GLN A 186 11.65 -4.94 13.46
CA GLN A 186 12.48 -5.54 12.43
C GLN A 186 13.75 -6.13 13.03
N LYS A 187 14.31 -5.44 14.03
CA LYS A 187 15.50 -5.96 14.70
C LYS A 187 15.19 -7.24 15.44
N ILE A 188 14.07 -7.28 16.17
CA ILE A 188 13.68 -8.50 16.87
C ILE A 188 13.55 -9.67 15.88
N ASP A 189 12.97 -9.40 14.71
CA ASP A 189 12.84 -10.47 13.72
C ASP A 189 14.20 -10.96 13.24
N ARG A 190 15.12 -10.03 12.94
CA ARG A 190 16.47 -10.43 12.55
C ARG A 190 17.12 -11.29 13.62
N GLU A 191 17.03 -10.87 14.88
CA GLU A 191 17.75 -11.58 15.94
C GLU A 191 17.08 -12.91 16.27
N LYS A 192 15.77 -13.01 16.07
CA LYS A 192 15.12 -14.32 16.17
C LYS A 192 15.60 -15.27 15.09
N MET A 193 15.62 -14.80 13.83
CA MET A 193 16.07 -15.68 12.75
C MET A 193 17.52 -16.09 12.91
N GLU A 194 18.37 -15.22 13.47
CA GLU A 194 19.78 -15.59 13.56
C GLU A 194 19.99 -16.80 14.47
N LYS A 195 19.08 -17.02 15.43
CA LYS A 195 19.20 -18.17 16.32
C LYS A 195 18.77 -19.48 15.70
N ARG A 196 18.12 -19.47 14.54
CA ARG A 196 17.52 -20.71 14.05
C ARG A 196 18.56 -21.56 13.33
N THR A 197 18.28 -22.87 13.30
CA THR A 197 19.13 -23.80 12.59
C THR A 197 19.15 -23.47 11.10
N PRO A 198 20.21 -23.86 10.40
CA PRO A 198 20.20 -23.70 8.94
C PRO A 198 18.98 -24.32 8.29
N HIS A 199 18.51 -25.46 8.80
CA HIS A 199 17.41 -26.15 8.14
C HIS A 199 16.10 -25.40 8.31
N GLU A 200 15.93 -24.66 9.41
CA GLU A 200 14.73 -23.87 9.58
C GLU A 200 14.83 -22.50 8.93
N LYS A 201 16.02 -21.91 8.84
CA LYS A 201 16.19 -20.67 8.09
C LYS A 201 15.74 -20.82 6.65
N GLU A 202 15.93 -22.01 6.07
CA GLU A 202 15.56 -22.26 4.68
C GLU A 202 14.06 -22.18 4.43
N LYS A 203 13.25 -22.25 5.48
CA LYS A 203 11.80 -22.23 5.32
C LYS A 203 11.22 -20.82 5.27
N TYR A 204 12.06 -19.79 5.30
CA TYR A 204 11.60 -18.41 5.37
C TYR A 204 12.07 -17.65 4.13
N GLN A 205 11.25 -16.67 3.69
CA GLN A 205 11.73 -15.81 2.64
C GLN A 205 12.69 -14.76 3.23
N PRO A 206 13.67 -14.31 2.47
CA PRO A 206 14.51 -13.21 2.95
C PRO A 206 13.70 -11.93 3.08
N SER A 207 14.26 -10.97 3.80
CA SER A 207 13.73 -9.62 3.75
C SER A 207 14.09 -9.00 2.40
N TYR A 208 13.09 -8.41 1.74
CA TYR A 208 13.30 -7.66 0.52
C TYR A 208 13.35 -6.19 0.89
N GLU A 209 14.16 -5.44 0.15
CA GLU A 209 14.42 -4.07 0.52
C GLU A 209 13.24 -3.14 0.18
N THR A 210 12.34 -3.58 -0.69
CA THR A 210 11.08 -2.90 -0.95
C THR A 210 9.96 -3.92 -0.88
N THR A 211 8.75 -3.39 -0.82
CA THR A 211 7.53 -4.18 -0.68
C THR A 211 6.72 -4.00 -1.97
N ILE A 212 6.71 -5.02 -2.81
CA ILE A 212 5.98 -4.95 -4.08
C ILE A 212 4.54 -5.42 -3.80
N LEU A 213 3.56 -4.57 -4.09
CA LEU A 213 2.18 -4.95 -3.82
C LEU A 213 1.75 -6.06 -4.79
N THR A 214 0.86 -6.93 -4.32
CA THR A 214 0.45 -8.09 -5.11
C THR A 214 -1.03 -7.99 -5.46
N GLU A 215 -1.40 -8.54 -6.61
CA GLU A 215 -2.77 -8.43 -7.10
C GLU A 215 -3.79 -8.93 -6.10
N CYS A 216 -4.91 -8.23 -6.01
CA CYS A 216 -5.96 -8.57 -5.06
C CYS A 216 -7.32 -8.32 -5.72
N SER A 217 -8.37 -8.75 -5.05
CA SER A 217 -9.70 -8.47 -5.57
C SER A 217 -9.96 -6.97 -5.59
N PRO A 218 -10.69 -6.48 -6.58
CA PRO A 218 -11.10 -5.07 -6.56
C PRO A 218 -11.87 -4.78 -5.29
N TRP A 219 -11.68 -3.56 -4.77
CA TRP A 219 -12.55 -3.11 -3.69
C TRP A 219 -14.00 -3.14 -4.16
N PRO A 220 -14.94 -3.56 -3.32
CA PRO A 220 -16.31 -3.83 -3.84
C PRO A 220 -17.06 -2.60 -4.29
N GLU A 221 -16.56 -1.40 -4.03
CA GLU A 221 -17.17 -0.16 -4.51
C GLU A 221 -16.04 0.81 -4.85
N ILE A 222 -16.34 1.80 -5.68
CA ILE A 222 -15.26 2.70 -6.10
C ILE A 222 -14.89 3.63 -4.95
#